data_7YB3
#
_entry.id   7YB3
#
_cell.length_a   92.900
_cell.length_b   92.900
_cell.length_c   129.100
_cell.angle_alpha   90.000
_cell.angle_beta   90.000
_cell.angle_gamma   120.000
#
_symmetry.space_group_name_H-M   'P 31 2 1'
#
loop_
_entity.id
_entity.type
_entity.pdbx_description
1 polymer 'Cysteine desulfurase SufS'
2 non-polymer DI(HYDROXYETHYL)ETHER
3 non-polymer 'TRIETHYLENE GLYCOL'
4 non-polymer D-CYSTEINE
5 water water
#
_entity_poly.entity_id   1
_entity_poly.type   'polypeptide(L)'
_entity_poly.pdbx_seq_one_letter_code
;MGHMNITDIREQFPILHQQVNGHDLVYLDSAATSQKPRAVIETLDKYYNQYNSNVHRGVHTLGTRATDGYEGAREKVRKF
INAKSMAEIIFTKGTTTSLNMVALSYARANLKPGDEVVITYMEHHANIIPWQQAVKATGATLKYIPLQEDGTISLEDVRE
TVTSNTKIVAVSHVSNVLGTVNPIKEMAKIAHDNGAVIVVDGAQSTPHMKIDVQDLDCDFFALSSH(LLP)MCGPTGVGV
LYGKKALLENMEPAEFGGEMIDFVGLYESTWKELPWKFEAGTPIIAGAIGLGAAIDFLEEIGLDEISRHEHKLAAYALER
FRQLDGVTVYGPEERAGLVTFNLDDVHPHDVATVLDAEGIAVRAGHHCAQPLMKWLDVTATARASFYLYNTEEEIDKLVE
ALQKTKEYFTNVFVDLEHHHHHH
;
_entity_poly.pdbx_strand_id   A
#
# COMPACT_ATOMS: atom_id res chain seq x y z
N MET A 4 -2.26 9.91 -22.61
CA MET A 4 -2.16 8.55 -21.94
C MET A 4 -2.92 7.49 -22.73
N ASN A 5 -2.23 6.62 -23.47
CA ASN A 5 -2.92 5.77 -24.42
C ASN A 5 -3.04 4.34 -23.81
N ILE A 6 -4.27 3.84 -23.58
CA ILE A 6 -4.38 2.64 -22.76
C ILE A 6 -4.02 1.43 -23.61
N THR A 7 -4.25 1.48 -24.94
CA THR A 7 -3.79 0.37 -25.76
C THR A 7 -2.26 0.23 -25.65
N ASP A 8 -1.52 1.33 -25.75
CA ASP A 8 -0.07 1.24 -25.74
C ASP A 8 0.40 0.78 -24.33
N ILE A 9 -0.31 1.22 -23.26
CA ILE A 9 0.10 0.82 -21.91
C ILE A 9 -0.16 -0.69 -21.79
N ARG A 10 -1.35 -1.18 -22.20
CA ARG A 10 -1.65 -2.59 -22.03
C ARG A 10 -0.71 -3.49 -22.84
N GLU A 11 -0.23 -3.00 -24.00
CA GLU A 11 0.68 -3.80 -24.82
C GLU A 11 1.95 -4.18 -24.04
N GLN A 12 2.35 -3.40 -23.04
CA GLN A 12 3.57 -3.63 -22.27
C GLN A 12 3.40 -4.67 -21.15
N PHE A 13 2.17 -5.17 -20.90
CA PHE A 13 1.92 -6.14 -19.79
C PHE A 13 1.52 -7.49 -20.39
N PRO A 14 2.49 -8.41 -20.55
CA PRO A 14 2.22 -9.65 -21.27
C PRO A 14 1.11 -10.42 -20.58
N ILE A 15 0.98 -10.31 -19.25
CA ILE A 15 0.01 -11.21 -18.55
C ILE A 15 -1.44 -10.89 -18.94
N LEU A 16 -1.68 -9.70 -19.50
CA LEU A 16 -3.10 -9.34 -19.75
C LEU A 16 -3.63 -10.10 -20.96
N HIS A 17 -2.72 -10.66 -21.77
CA HIS A 17 -3.13 -11.10 -23.11
C HIS A 17 -3.29 -12.61 -23.05
N GLN A 18 -4.33 -13.09 -22.36
CA GLN A 18 -4.55 -14.55 -22.31
C GLN A 18 -6.02 -14.73 -21.96
N GLN A 19 -6.47 -15.98 -22.09
CA GLN A 19 -7.86 -16.26 -21.75
C GLN A 19 -7.93 -17.13 -20.47
N VAL A 20 -9.02 -16.99 -19.72
CA VAL A 20 -9.28 -17.82 -18.57
C VAL A 20 -10.69 -18.40 -18.79
N ASN A 21 -10.85 -19.72 -18.76
CA ASN A 21 -12.17 -20.38 -18.96
C ASN A 21 -12.78 -19.99 -20.31
N GLY A 22 -11.92 -19.83 -21.31
CA GLY A 22 -12.32 -19.47 -22.68
C GLY A 22 -12.77 -18.03 -22.88
N HIS A 23 -12.47 -17.11 -21.95
CA HIS A 23 -12.86 -15.73 -22.14
C HIS A 23 -11.61 -14.88 -22.02
N ASP A 24 -11.56 -13.72 -22.68
CA ASP A 24 -10.41 -12.87 -22.41
C ASP A 24 -10.36 -12.56 -20.92
N LEU A 25 -9.15 -12.58 -20.36
CA LEU A 25 -8.93 -12.20 -18.98
C LEU A 25 -9.39 -10.75 -18.76
N VAL A 26 -10.09 -10.52 -17.64
CA VAL A 26 -10.44 -9.16 -17.23
C VAL A 26 -9.94 -9.05 -15.79
N TYR A 27 -8.74 -8.46 -15.63
CA TYR A 27 -8.13 -8.51 -14.31
C TYR A 27 -8.51 -7.23 -13.53
N LEU A 28 -9.37 -7.36 -12.48
CA LEU A 28 -9.89 -6.22 -11.71
C LEU A 28 -9.54 -6.49 -10.26
N ASP A 29 -8.28 -6.91 -10.01
CA ASP A 29 -7.86 -7.16 -8.65
C ASP A 29 -6.51 -6.53 -8.35
N SER A 30 -6.25 -5.34 -8.91
CA SER A 30 -4.91 -4.73 -8.68
C SER A 30 -4.76 -4.20 -7.27
N ALA A 31 -5.87 -3.96 -6.54
CA ALA A 31 -5.68 -3.64 -5.12
C ALA A 31 -5.13 -4.83 -4.33
N ALA A 32 -5.33 -6.10 -4.81
CA ALA A 32 -4.67 -7.25 -4.16
C ALA A 32 -3.22 -7.28 -4.66
N THR A 33 -3.01 -7.20 -5.98
CA THR A 33 -1.61 -7.00 -6.41
C THR A 33 -1.68 -6.54 -7.87
N SER A 34 -0.66 -5.75 -8.26
CA SER A 34 -0.67 -5.24 -9.62
C SER A 34 0.13 -6.18 -10.58
N GLN A 35 -0.13 -5.99 -11.89
CA GLN A 35 0.66 -6.70 -12.89
C GLN A 35 1.85 -5.83 -13.28
N LYS A 36 2.82 -6.45 -13.97
CA LYS A 36 4.08 -5.77 -14.25
C LYS A 36 4.28 -5.60 -15.76
N PRO A 37 4.91 -4.47 -16.16
CA PRO A 37 5.24 -4.25 -17.58
C PRO A 37 6.59 -4.88 -17.91
N ARG A 38 6.85 -5.12 -19.20
CA ARG A 38 8.13 -5.69 -19.60
C ARG A 38 9.29 -4.87 -19.05
N ALA A 39 9.15 -3.53 -18.92
CA ALA A 39 10.31 -2.78 -18.42
C ALA A 39 10.78 -3.27 -17.06
N VAL A 40 9.84 -3.73 -16.21
CA VAL A 40 10.22 -4.21 -14.90
C VAL A 40 10.75 -5.63 -15.03
N ILE A 41 10.02 -6.53 -15.72
CA ILE A 41 10.44 -7.91 -15.76
C ILE A 41 11.81 -8.02 -16.43
N GLU A 42 12.03 -7.19 -17.47
CA GLU A 42 13.35 -7.26 -18.15
C GLU A 42 14.44 -6.59 -17.29
N THR A 43 14.05 -5.72 -16.33
CA THR A 43 15.08 -5.21 -15.40
C THR A 43 15.57 -6.38 -14.52
N LEU A 44 14.66 -7.23 -13.99
CA LEU A 44 15.13 -8.35 -13.19
C LEU A 44 15.95 -9.28 -14.07
N ASP A 45 15.53 -9.52 -15.31
CA ASP A 45 16.29 -10.43 -16.16
C ASP A 45 17.69 -9.88 -16.40
N LYS A 46 17.80 -8.57 -16.68
CA LYS A 46 19.14 -8.05 -16.95
C LYS A 46 20.00 -8.16 -15.68
N TYR A 47 19.39 -7.89 -14.52
CA TYR A 47 20.15 -8.05 -13.28
C TYR A 47 20.74 -9.46 -13.16
N TYR A 48 19.88 -10.50 -13.23
CA TYR A 48 20.40 -11.87 -13.04
C TYR A 48 21.26 -12.35 -14.19
N ASN A 49 21.02 -11.82 -15.41
CA ASN A 49 21.77 -12.26 -16.59
C ASN A 49 23.14 -11.58 -16.67
N GLN A 50 23.28 -10.37 -16.05
CA GLN A 50 24.47 -9.57 -16.38
C GLN A 50 25.22 -9.05 -15.16
N TYR A 51 24.59 -8.71 -14.03
CA TYR A 51 25.44 -8.02 -13.03
C TYR A 51 25.12 -8.37 -11.58
N ASN A 52 24.38 -9.48 -11.33
CA ASN A 52 24.16 -9.94 -9.96
C ASN A 52 25.52 -10.15 -9.26
N SER A 53 25.57 -9.65 -7.99
CA SER A 53 26.72 -9.82 -7.10
C SER A 53 26.26 -9.22 -5.78
N ASN A 54 26.97 -9.51 -4.71
CA ASN A 54 26.56 -8.92 -3.44
C ASN A 54 27.00 -7.44 -3.44
N VAL A 55 26.36 -6.62 -2.57
CA VAL A 55 26.48 -5.17 -2.69
C VAL A 55 27.30 -4.62 -1.52
N HIS A 56 27.87 -3.43 -1.72
CA HIS A 56 28.59 -2.64 -0.71
C HIS A 56 30.01 -3.26 -0.55
N ARG A 57 30.98 -2.53 0.00
CA ARG A 57 32.34 -3.13 0.04
C ARG A 57 32.77 -3.62 -1.37
N GLY A 58 32.60 -2.74 -2.39
CA GLY A 58 32.70 -3.14 -3.78
C GLY A 58 34.19 -3.29 -4.17
N VAL A 59 34.62 -4.48 -4.54
CA VAL A 59 36.00 -4.63 -4.97
C VAL A 59 36.05 -5.19 -6.38
N HIS A 60 34.91 -5.71 -6.85
CA HIS A 60 35.02 -6.21 -8.20
C HIS A 60 33.93 -5.58 -9.04
N THR A 61 34.10 -5.71 -10.36
CA THR A 61 33.30 -4.93 -11.28
C THR A 61 31.81 -5.27 -11.16
N LEU A 62 31.44 -6.58 -11.13
CA LEU A 62 29.98 -6.82 -11.03
C LEU A 62 29.48 -6.31 -9.67
N GLY A 63 30.26 -6.48 -8.60
CA GLY A 63 29.80 -6.00 -7.29
C GLY A 63 29.52 -4.50 -7.31
N THR A 64 30.39 -3.73 -8.02
CA THR A 64 30.18 -2.28 -8.11
C THR A 64 28.88 -2.00 -8.86
N ARG A 65 28.67 -2.70 -9.98
CA ARG A 65 27.43 -2.54 -10.75
C ARG A 65 26.18 -2.86 -9.92
N ALA A 66 26.25 -3.96 -9.15
CA ALA A 66 25.02 -4.27 -8.37
C ALA A 66 24.81 -3.21 -7.29
N THR A 67 25.93 -2.79 -6.67
CA THR A 67 25.80 -1.77 -5.63
C THR A 67 25.21 -0.50 -6.20
N ASP A 68 25.77 -0.05 -7.35
CA ASP A 68 25.26 1.19 -7.95
C ASP A 68 23.79 1.04 -8.33
N GLY A 69 23.41 -0.16 -8.81
CA GLY A 69 21.98 -0.41 -9.11
C GLY A 69 21.07 -0.28 -7.87
N TYR A 70 21.52 -0.87 -6.74
CA TYR A 70 20.70 -0.94 -5.52
C TYR A 70 20.61 0.49 -4.93
N GLU A 71 21.78 1.15 -4.77
CA GLU A 71 21.67 2.46 -4.11
C GLU A 71 21.05 3.47 -5.11
N GLY A 72 21.28 3.26 -6.42
CA GLY A 72 20.60 4.05 -7.44
C GLY A 72 19.05 3.96 -7.31
N ALA A 73 18.55 2.77 -6.95
CA ALA A 73 17.10 2.67 -6.86
C ALA A 73 16.66 3.39 -5.58
N ARG A 74 17.47 3.37 -4.50
CA ARG A 74 17.13 4.11 -3.29
C ARG A 74 16.92 5.59 -3.65
N GLU A 75 17.77 6.13 -4.55
CA GLU A 75 17.63 7.56 -4.87
C GLU A 75 16.35 7.72 -5.70
N LYS A 76 16.09 6.77 -6.63
CA LYS A 76 14.81 6.90 -7.36
C LYS A 76 13.60 6.93 -6.41
N VAL A 77 13.60 6.11 -5.34
CA VAL A 77 12.50 6.17 -4.39
C VAL A 77 12.47 7.52 -3.64
N ARG A 78 13.66 7.96 -3.20
CA ARG A 78 13.66 9.28 -2.53
C ARG A 78 13.03 10.35 -3.40
N LYS A 79 13.41 10.40 -4.67
CA LYS A 79 12.86 11.47 -5.47
C LYS A 79 11.36 11.23 -5.70
N PHE A 80 10.96 9.97 -5.81
CA PHE A 80 9.56 9.63 -6.21
C PHE A 80 8.58 10.06 -5.09
N ILE A 81 8.96 9.95 -3.82
CA ILE A 81 8.09 10.42 -2.71
C ILE A 81 8.51 11.81 -2.18
N ASN A 82 9.54 12.40 -2.79
CA ASN A 82 10.06 13.72 -2.40
C ASN A 82 10.53 13.73 -0.95
N ALA A 83 11.25 12.69 -0.51
CA ALA A 83 11.91 12.73 0.79
C ALA A 83 13.14 13.66 0.64
N LYS A 84 13.64 14.19 1.76
CA LYS A 84 14.84 15.05 1.71
C LYS A 84 16.13 14.27 1.46
N SER A 85 16.24 13.02 1.99
CA SER A 85 17.49 12.30 1.94
C SER A 85 17.27 10.80 1.78
N MET A 86 18.26 10.14 1.16
CA MET A 86 18.30 8.68 1.06
C MET A 86 18.39 8.08 2.44
N ALA A 87 18.92 8.84 3.46
CA ALA A 87 18.97 8.28 4.81
C ALA A 87 17.55 7.98 5.32
N GLU A 88 16.53 8.60 4.72
CA GLU A 88 15.14 8.40 5.20
C GLU A 88 14.42 7.24 4.47
N ILE A 89 15.12 6.63 3.52
CA ILE A 89 14.49 5.62 2.64
C ILE A 89 15.09 4.26 3.00
N ILE A 90 14.27 3.42 3.65
CA ILE A 90 14.71 2.08 4.08
C ILE A 90 13.99 1.04 3.19
N PHE A 91 14.76 0.10 2.65
CA PHE A 91 14.13 -0.96 1.87
C PHE A 91 13.67 -2.03 2.86
N THR A 92 12.41 -2.52 2.71
CA THR A 92 11.91 -3.57 3.60
C THR A 92 11.24 -4.64 2.72
N LYS A 93 10.66 -5.69 3.37
CA LYS A 93 9.99 -6.62 2.44
C LYS A 93 8.56 -6.18 2.08
N GLY A 94 8.03 -5.06 2.62
CA GLY A 94 6.68 -4.66 2.19
C GLY A 94 6.08 -3.73 3.23
N THR A 95 4.91 -3.21 2.94
CA THR A 95 4.28 -2.25 3.85
C THR A 95 4.17 -2.89 5.23
N THR A 96 3.72 -4.18 5.27
CA THR A 96 3.46 -4.75 6.59
C THR A 96 4.75 -4.74 7.45
N THR A 97 5.87 -5.16 6.84
CA THR A 97 7.13 -5.15 7.67
C THR A 97 7.48 -3.69 8.03
N SER A 98 7.34 -2.75 7.07
CA SER A 98 7.63 -1.35 7.41
C SER A 98 6.83 -0.87 8.63
N LEU A 99 5.49 -1.16 8.67
CA LEU A 99 4.72 -0.70 9.84
C LEU A 99 5.09 -1.43 11.14
N ASN A 100 5.42 -2.72 11.01
CA ASN A 100 5.92 -3.43 12.19
C ASN A 100 7.23 -2.80 12.71
N MET A 101 8.12 -2.36 11.79
CA MET A 101 9.40 -1.79 12.26
C MET A 101 9.09 -0.52 13.07
N VAL A 102 8.14 0.31 12.61
CA VAL A 102 7.79 1.48 13.42
C VAL A 102 7.22 1.05 14.77
N ALA A 103 6.30 0.07 14.78
CA ALA A 103 5.72 -0.36 16.05
C ALA A 103 6.77 -0.93 17.00
N LEU A 104 7.77 -1.66 16.49
CA LEU A 104 8.77 -2.28 17.33
C LEU A 104 9.81 -1.26 17.79
N SER A 105 10.36 -0.43 16.89
CA SER A 105 11.52 0.39 17.19
C SER A 105 11.08 1.76 17.68
N TYR A 106 9.93 2.25 17.25
CA TYR A 106 9.49 3.57 17.67
C TYR A 106 8.47 3.40 18.81
N ALA A 107 7.32 2.72 18.55
CA ALA A 107 6.27 2.68 19.57
C ALA A 107 6.72 2.03 20.87
N ARG A 108 7.32 0.84 20.80
CA ARG A 108 7.62 0.11 22.03
C ARG A 108 8.69 0.84 22.84
N ALA A 109 9.41 1.77 22.20
CA ALA A 109 10.43 2.54 22.93
C ALA A 109 9.85 3.84 23.52
N ASN A 110 8.67 4.27 23.07
CA ASN A 110 8.18 5.60 23.32
C ASN A 110 6.75 5.56 23.92
N LEU A 111 6.29 4.40 24.40
CA LEU A 111 4.94 4.40 24.97
C LEU A 111 5.03 4.02 26.44
N LYS A 112 4.23 4.70 27.27
CA LYS A 112 4.17 4.31 28.67
C LYS A 112 2.70 4.21 29.07
N PRO A 113 2.36 3.67 30.28
CA PRO A 113 0.96 3.71 30.72
C PRO A 113 0.42 5.14 30.63
N GLY A 114 -0.81 5.30 30.14
CA GLY A 114 -1.41 6.61 29.96
C GLY A 114 -1.28 7.17 28.52
N ASP A 115 -0.21 6.82 27.78
CA ASP A 115 -0.05 7.17 26.36
C ASP A 115 -1.09 6.46 25.47
N GLU A 116 -1.52 7.13 24.38
CA GLU A 116 -2.47 6.55 23.46
C GLU A 116 -1.85 6.37 22.06
N VAL A 117 -2.31 5.32 21.37
CA VAL A 117 -2.05 5.17 19.93
C VAL A 117 -3.42 5.31 19.34
N VAL A 118 -3.57 6.19 18.33
CA VAL A 118 -4.90 6.41 17.78
C VAL A 118 -4.92 5.91 16.33
N ILE A 119 -5.88 5.03 16.00
CA ILE A 119 -6.03 4.51 14.65
C ILE A 119 -7.49 4.75 14.24
N THR A 120 -7.98 4.10 13.19
CA THR A 120 -9.33 4.34 12.66
C THR A 120 -9.96 2.98 12.44
N TYR A 121 -11.30 2.95 12.31
CA TYR A 121 -11.95 1.67 12.05
C TYR A 121 -11.71 1.14 10.64
N MET A 122 -11.21 1.97 9.72
CA MET A 122 -11.10 1.47 8.35
C MET A 122 -9.69 0.91 8.11
N GLU A 123 -8.84 0.83 9.15
CA GLU A 123 -7.45 0.34 8.89
C GLU A 123 -7.39 -1.11 8.43
N HIS A 124 -6.40 -1.42 7.55
CA HIS A 124 -6.03 -2.77 7.20
C HIS A 124 -5.34 -3.36 8.45
N HIS A 125 -5.38 -4.69 8.59
CA HIS A 125 -4.74 -5.39 9.72
C HIS A 125 -3.26 -4.99 9.90
N ALA A 126 -2.57 -4.71 8.78
CA ALA A 126 -1.14 -4.39 8.91
C ALA A 126 -1.01 -3.12 9.74
N ASN A 127 -2.02 -2.24 9.72
CA ASN A 127 -1.94 -0.99 10.47
C ASN A 127 -2.90 -1.06 11.67
N ILE A 128 -3.18 -2.29 12.18
CA ILE A 128 -3.91 -2.47 13.45
C ILE A 128 -3.08 -3.35 14.39
N ILE A 129 -2.71 -4.55 13.92
CA ILE A 129 -2.22 -5.55 14.85
C ILE A 129 -0.84 -5.15 15.40
N PRO A 130 0.06 -4.51 14.65
CA PRO A 130 1.30 -4.07 15.32
C PRO A 130 1.05 -3.13 16.51
N TRP A 131 0.05 -2.25 16.38
CA TRP A 131 -0.25 -1.29 17.44
C TRP A 131 -0.89 -2.01 18.65
N GLN A 132 -1.80 -2.97 18.36
CA GLN A 132 -2.40 -3.75 19.45
C GLN A 132 -1.28 -4.38 20.26
N GLN A 133 -0.24 -4.89 19.56
CA GLN A 133 0.84 -5.55 20.26
C GLN A 133 1.73 -4.55 21.01
N ALA A 134 2.02 -3.41 20.38
CA ALA A 134 2.86 -2.43 21.05
C ALA A 134 2.15 -1.85 22.30
N VAL A 135 0.85 -1.62 22.21
CA VAL A 135 0.21 -1.08 23.41
C VAL A 135 0.20 -2.12 24.54
N LYS A 136 -0.11 -3.38 24.22
CA LYS A 136 -0.08 -4.44 25.22
C LYS A 136 1.32 -4.54 25.85
N ALA A 137 2.36 -4.41 25.03
CA ALA A 137 3.71 -4.52 25.52
C ALA A 137 4.02 -3.38 26.47
N THR A 138 3.38 -2.22 26.30
CA THR A 138 3.88 -1.07 27.04
C THR A 138 2.88 -0.67 28.14
N GLY A 139 1.67 -1.24 28.14
CA GLY A 139 0.58 -0.79 28.98
C GLY A 139 -0.03 0.52 28.54
N ALA A 140 0.18 0.97 27.28
CA ALA A 140 -0.52 2.12 26.70
C ALA A 140 -1.94 1.77 26.30
N THR A 141 -2.69 2.68 25.63
CA THR A 141 -4.08 2.49 25.30
C THR A 141 -4.27 2.68 23.79
N LEU A 142 -5.09 1.83 23.17
CA LEU A 142 -5.38 2.00 21.76
C LEU A 142 -6.74 2.64 21.66
N LYS A 143 -6.87 3.65 20.78
CA LYS A 143 -8.14 4.32 20.51
C LYS A 143 -8.44 4.38 19.01
N TYR A 144 -9.73 4.40 18.69
CA TYR A 144 -10.18 4.44 17.31
C TYR A 144 -10.89 5.73 16.99
N ILE A 145 -10.46 6.40 15.92
CA ILE A 145 -11.26 7.50 15.36
C ILE A 145 -12.50 6.94 14.71
N PRO A 146 -13.72 7.46 15.03
CA PRO A 146 -14.92 6.97 14.35
C PRO A 146 -15.03 7.43 12.88
N LEU A 147 -15.90 6.77 12.11
CA LEU A 147 -16.11 7.14 10.70
C LEU A 147 -17.47 7.84 10.56
N GLN A 148 -17.61 8.69 9.53
CA GLN A 148 -18.91 9.20 9.17
C GLN A 148 -19.66 8.11 8.43
N GLU A 149 -20.95 8.35 8.17
CA GLU A 149 -21.77 7.32 7.57
C GLU A 149 -21.33 6.95 6.15
N ASP A 150 -20.72 7.84 5.37
CA ASP A 150 -20.23 7.44 4.03
C ASP A 150 -18.83 6.79 4.08
N GLY A 151 -18.29 6.49 5.27
CA GLY A 151 -16.96 5.89 5.39
C GLY A 151 -15.77 6.86 5.21
N THR A 152 -15.97 8.15 5.50
CA THR A 152 -14.88 9.12 5.57
C THR A 152 -14.66 9.52 7.02
N ILE A 153 -13.60 10.27 7.24
CA ILE A 153 -13.21 10.65 8.59
C ILE A 153 -13.40 12.15 8.66
N SER A 154 -14.06 12.64 9.73
CA SER A 154 -14.11 14.11 9.81
C SER A 154 -12.98 14.62 10.67
N LEU A 155 -12.43 15.82 10.35
CA LEU A 155 -11.33 16.30 11.16
C LEU A 155 -11.81 16.65 12.58
N GLU A 156 -13.10 16.92 12.73
CA GLU A 156 -13.58 17.15 14.10
C GLU A 156 -13.46 15.88 14.94
N ASP A 157 -13.79 14.72 14.36
CA ASP A 157 -13.59 13.47 15.10
C ASP A 157 -12.13 13.20 15.42
N VAL A 158 -11.25 13.57 14.47
CA VAL A 158 -9.83 13.44 14.72
C VAL A 158 -9.44 14.29 15.96
N ARG A 159 -9.81 15.58 15.91
CA ARG A 159 -9.49 16.49 16.99
C ARG A 159 -10.02 15.98 18.33
N GLU A 160 -11.22 15.40 18.30
CA GLU A 160 -11.81 14.85 19.52
C GLU A 160 -11.01 13.65 20.02
N THR A 161 -10.56 12.75 19.10
CA THR A 161 -9.97 11.49 19.51
C THR A 161 -8.54 11.67 19.97
N VAL A 162 -7.83 12.56 19.25
CA VAL A 162 -6.42 12.74 19.53
C VAL A 162 -6.33 13.69 20.75
N THR A 163 -5.50 13.35 21.76
CA THR A 163 -5.44 14.19 22.95
C THR A 163 -3.98 14.46 23.23
N SER A 164 -3.74 15.24 24.29
CA SER A 164 -2.36 15.47 24.65
C SER A 164 -1.74 14.22 25.21
N ASN A 165 -2.49 13.11 25.43
CA ASN A 165 -1.77 11.88 25.79
C ASN A 165 -1.49 11.01 24.54
N THR A 166 -1.95 11.44 23.37
CA THR A 166 -1.67 10.67 22.14
C THR A 166 -0.18 10.77 21.75
N LYS A 167 0.50 9.63 21.51
CA LYS A 167 1.90 9.68 21.11
C LYS A 167 2.00 9.31 19.61
N ILE A 168 1.04 8.57 19.09
CA ILE A 168 1.12 8.09 17.70
C ILE A 168 -0.29 8.10 17.15
N VAL A 169 -0.46 8.67 15.93
CA VAL A 169 -1.67 8.47 15.15
C VAL A 169 -1.26 7.61 13.92
N ALA A 170 -1.98 6.50 13.63
CA ALA A 170 -1.60 5.70 12.46
C ALA A 170 -2.81 5.59 11.58
N VAL A 171 -2.69 5.86 10.27
CA VAL A 171 -3.90 5.99 9.47
C VAL A 171 -3.56 5.64 8.02
N SER A 172 -4.51 5.05 7.31
CA SER A 172 -4.35 4.75 5.91
C SER A 172 -4.40 6.05 5.07
N HIS A 173 -3.54 6.18 4.05
CA HIS A 173 -3.72 7.26 3.08
C HIS A 173 -4.99 7.03 2.27
N VAL A 174 -5.10 5.83 1.69
CA VAL A 174 -6.27 5.43 0.93
C VAL A 174 -6.73 4.06 1.48
N SER A 175 -8.05 3.87 1.62
CA SER A 175 -8.59 2.62 2.14
C SER A 175 -8.66 1.63 0.99
N ASN A 176 -8.24 0.37 1.23
CA ASN A 176 -8.30 -0.69 0.25
C ASN A 176 -9.72 -1.27 0.13
N VAL A 177 -10.67 -0.76 0.96
CA VAL A 177 -12.04 -1.28 0.88
C VAL A 177 -13.04 -0.17 0.47
N LEU A 178 -12.92 1.00 1.12
CA LEU A 178 -13.91 2.07 0.89
C LEU A 178 -13.51 2.93 -0.31
N GLY A 179 -12.21 2.94 -0.63
CA GLY A 179 -11.63 3.81 -1.66
C GLY A 179 -11.48 5.25 -1.17
N THR A 180 -11.79 5.47 0.12
CA THR A 180 -11.66 6.79 0.71
C THR A 180 -10.21 7.27 0.67
N VAL A 181 -10.01 8.55 0.28
CA VAL A 181 -8.69 9.17 0.38
C VAL A 181 -8.71 10.00 1.67
N ASN A 182 -7.92 9.64 2.67
CA ASN A 182 -8.00 10.31 3.97
C ASN A 182 -7.28 11.62 3.99
N PRO A 183 -7.70 12.61 4.85
CA PRO A 183 -7.04 13.92 4.85
C PRO A 183 -5.75 13.96 5.66
N ILE A 184 -4.73 13.25 5.18
CA ILE A 184 -3.53 13.02 5.91
C ILE A 184 -2.78 14.29 6.28
N LYS A 185 -2.66 15.24 5.35
CA LYS A 185 -1.88 16.41 5.68
C LYS A 185 -2.55 17.19 6.86
N GLU A 186 -3.89 17.22 6.90
CA GLU A 186 -4.55 17.95 8.01
C GLU A 186 -4.51 17.10 9.28
N MET A 187 -4.57 15.75 9.12
CA MET A 187 -4.38 14.90 10.31
C MET A 187 -2.99 15.02 10.89
N ALA A 188 -1.97 15.21 10.02
CA ALA A 188 -0.64 15.30 10.58
C ALA A 188 -0.56 16.58 11.44
N LYS A 189 -1.22 17.63 10.99
CA LYS A 189 -1.14 18.89 11.78
C LYS A 189 -1.77 18.66 13.17
N ILE A 190 -2.92 17.96 13.22
CA ILE A 190 -3.61 17.67 14.47
C ILE A 190 -2.77 16.77 15.36
N ALA A 191 -2.13 15.73 14.76
CA ALA A 191 -1.20 14.96 15.56
C ALA A 191 -0.10 15.83 16.14
N HIS A 192 0.56 16.65 15.29
CA HIS A 192 1.74 17.35 15.80
C HIS A 192 1.29 18.40 16.86
N ASP A 193 0.14 19.00 16.64
CA ASP A 193 -0.38 19.99 17.62
C ASP A 193 -0.53 19.32 18.98
N ASN A 194 -0.65 17.99 19.06
CA ASN A 194 -0.92 17.29 20.29
C ASN A 194 0.33 16.63 20.80
N GLY A 195 1.46 16.79 20.10
CA GLY A 195 2.71 16.17 20.53
C GLY A 195 2.89 14.73 20.01
N ALA A 196 2.05 14.32 19.03
CA ALA A 196 2.15 12.94 18.51
C ALA A 196 2.91 12.94 17.17
N VAL A 197 3.43 11.75 16.74
CA VAL A 197 3.86 11.56 15.35
C VAL A 197 2.73 10.89 14.55
N ILE A 198 2.72 11.03 13.19
CA ILE A 198 1.68 10.36 12.41
C ILE A 198 2.39 9.30 11.53
N VAL A 199 1.80 8.11 11.47
CA VAL A 199 2.34 7.00 10.70
C VAL A 199 1.33 6.78 9.58
N VAL A 200 1.79 6.86 8.31
CA VAL A 200 0.82 6.75 7.22
C VAL A 200 1.03 5.39 6.50
N ASP A 201 -0.06 4.66 6.32
CA ASP A 201 -0.01 3.42 5.56
C ASP A 201 -0.38 3.84 4.13
N GLY A 202 0.67 3.89 3.30
CA GLY A 202 0.56 4.37 1.93
C GLY A 202 0.48 3.20 0.93
N ALA A 203 0.05 2.00 1.32
CA ALA A 203 0.15 0.83 0.40
C ALA A 203 -0.75 1.08 -0.83
N GLN A 204 -1.95 1.68 -0.62
CA GLN A 204 -2.94 1.83 -1.68
C GLN A 204 -2.89 3.22 -2.30
N SER A 205 -2.13 4.19 -1.75
CA SER A 205 -2.05 5.49 -2.41
C SER A 205 -0.85 5.57 -3.39
N THR A 206 0.32 5.09 -2.96
CA THR A 206 1.57 5.24 -3.71
C THR A 206 1.41 4.76 -5.16
N PRO A 207 0.72 3.66 -5.47
CA PRO A 207 0.65 3.17 -6.84
C PRO A 207 -0.10 4.13 -7.79
N HIS A 208 -0.97 4.98 -7.21
CA HIS A 208 -2.12 5.51 -7.93
C HIS A 208 -2.06 7.06 -7.90
N MET A 209 -1.24 7.67 -7.04
CA MET A 209 -1.27 9.14 -6.99
C MET A 209 0.08 9.63 -6.45
N LYS A 210 0.41 10.89 -6.78
CA LYS A 210 1.73 11.40 -6.39
C LYS A 210 1.79 11.48 -4.88
N ILE A 211 2.92 11.12 -4.33
CA ILE A 211 3.17 11.19 -2.90
C ILE A 211 4.21 12.28 -2.71
N ASP A 212 3.95 13.25 -1.81
CA ASP A 212 5.06 14.17 -1.49
C ASP A 212 5.14 14.25 0.06
N VAL A 213 6.11 13.56 0.67
CA VAL A 213 6.15 13.40 2.12
C VAL A 213 6.49 14.76 2.77
N GLN A 214 7.03 15.71 1.99
CA GLN A 214 7.37 17.00 2.62
C GLN A 214 6.08 17.80 2.75
N ASP A 215 5.22 17.78 1.72
CA ASP A 215 3.94 18.43 1.79
C ASP A 215 3.02 17.73 2.80
N LEU A 216 2.96 16.41 2.80
CA LEU A 216 2.06 15.71 3.72
C LEU A 216 2.56 15.95 5.16
N ASP A 217 3.87 16.13 5.34
CA ASP A 217 4.55 16.25 6.64
C ASP A 217 4.32 14.99 7.50
N CYS A 218 4.18 13.79 6.88
CA CYS A 218 4.03 12.58 7.69
C CYS A 218 5.36 12.26 8.38
N ASP A 219 5.32 11.65 9.58
CA ASP A 219 6.57 11.23 10.24
C ASP A 219 7.10 9.92 9.68
N PHE A 220 6.17 9.02 9.33
CA PHE A 220 6.57 7.74 8.73
C PHE A 220 5.54 7.48 7.61
N PHE A 221 6.01 6.78 6.55
CA PHE A 221 5.15 6.46 5.41
C PHE A 221 5.62 5.09 4.93
N ALA A 222 4.66 4.18 4.71
CA ALA A 222 4.98 2.82 4.31
C ALA A 222 4.31 2.50 2.93
N LEU A 223 5.01 1.70 2.07
CA LEU A 223 4.46 1.33 0.77
C LEU A 223 5.04 -0.03 0.34
N SER A 224 4.31 -0.67 -0.63
CA SER A 224 4.64 -1.96 -1.16
C SER A 224 4.89 -1.84 -2.69
N SER A 225 6.01 -2.47 -3.10
CA SER A 225 6.33 -2.55 -4.53
C SER A 225 5.29 -3.34 -5.31
N HIS A 226 4.74 -4.45 -4.70
CA HIS A 226 4.00 -5.35 -5.56
C HIS A 226 2.69 -4.68 -5.99
N MET A 228 2.53 -1.53 -7.06
CA MET A 228 2.76 -0.35 -7.96
C MET A 228 3.67 -0.81 -9.13
N CYS A 229 3.32 -1.94 -9.73
CA CYS A 229 3.97 -2.51 -10.92
C CYS A 229 5.38 -3.02 -10.65
N GLY A 230 5.70 -3.21 -9.38
CA GLY A 230 7.07 -3.64 -9.05
C GLY A 230 7.11 -5.09 -8.55
N PRO A 231 8.32 -5.63 -8.31
CA PRO A 231 8.42 -7.06 -7.90
C PRO A 231 7.78 -7.29 -6.51
N THR A 232 7.39 -8.56 -6.27
CA THR A 232 6.96 -8.93 -4.92
C THR A 232 8.14 -8.91 -3.93
N GLY A 233 7.81 -8.87 -2.62
CA GLY A 233 8.87 -9.11 -1.59
C GLY A 233 9.63 -7.82 -1.29
N VAL A 234 9.14 -6.64 -1.76
CA VAL A 234 9.93 -5.45 -1.43
C VAL A 234 9.00 -4.27 -1.12
N GLY A 235 9.48 -3.43 -0.23
CA GLY A 235 8.66 -2.30 0.17
C GLY A 235 9.60 -1.19 0.67
N VAL A 236 8.98 -0.09 1.16
CA VAL A 236 9.85 0.96 1.70
C VAL A 236 9.24 1.43 3.00
N LEU A 237 10.15 1.79 3.92
CA LEU A 237 9.74 2.60 5.07
C LEU A 237 10.45 3.94 4.92
N TYR A 238 9.63 4.98 4.82
CA TYR A 238 10.22 6.32 4.92
C TYR A 238 10.01 6.78 6.39
N GLY A 239 11.04 7.40 6.99
CA GLY A 239 10.82 8.09 8.27
C GLY A 239 11.60 9.38 8.25
N LYS A 240 11.11 10.41 8.99
CA LYS A 240 11.91 11.63 9.10
C LYS A 240 13.25 11.29 9.69
N LYS A 241 14.31 11.88 9.14
CA LYS A 241 15.63 11.40 9.57
C LYS A 241 15.81 11.55 11.11
N ALA A 242 15.27 12.62 11.74
CA ALA A 242 15.60 12.85 13.16
C ALA A 242 14.91 11.77 14.01
N LEU A 243 13.81 11.22 13.52
CA LEU A 243 13.19 10.11 14.25
C LEU A 243 13.93 8.79 14.08
N LEU A 244 14.32 8.50 12.83
CA LEU A 244 15.11 7.28 12.59
C LEU A 244 16.43 7.30 13.33
N GLU A 245 17.05 8.49 13.44
CA GLU A 245 18.36 8.50 14.09
C GLU A 245 18.25 8.01 15.51
N ASN A 246 17.11 8.25 16.17
CA ASN A 246 16.96 7.92 17.60
C ASN A 246 16.36 6.53 17.81
N MET A 247 15.85 5.89 16.74
CA MET A 247 15.24 4.58 16.89
C MET A 247 16.35 3.53 16.80
N GLU A 248 16.21 2.46 17.59
CA GLU A 248 17.14 1.35 17.43
C GLU A 248 16.69 0.45 16.26
N PRO A 249 17.60 -0.36 15.68
CA PRO A 249 17.26 -1.32 14.64
C PRO A 249 16.17 -2.30 15.11
N ALA A 250 15.34 -2.78 14.18
CA ALA A 250 14.34 -3.82 14.44
C ALA A 250 14.98 -5.21 14.24
N GLU A 251 16.09 -5.31 13.44
CA GLU A 251 16.70 -6.63 13.18
C GLU A 251 18.21 -6.40 13.20
N PHE A 252 19.00 -7.43 13.53
CA PHE A 252 20.43 -7.20 13.77
C PHE A 252 21.23 -8.20 12.96
N GLY A 253 22.41 -7.79 12.43
CA GLY A 253 23.22 -8.80 11.75
C GLY A 253 24.34 -8.10 10.98
N GLY A 254 24.84 -8.78 9.98
CA GLY A 254 25.85 -8.17 9.10
C GLY A 254 25.24 -6.99 8.33
N GLU A 255 26.16 -6.12 7.81
CA GLU A 255 25.76 -4.99 6.94
C GLU A 255 25.19 -3.81 7.75
N MET A 256 24.59 -4.02 8.94
CA MET A 256 24.00 -2.88 9.62
C MET A 256 24.86 -2.47 10.84
N ILE A 257 26.05 -3.06 10.94
CA ILE A 257 27.00 -2.77 12.03
C ILE A 257 28.14 -1.89 11.54
N ASP A 258 28.76 -1.24 12.52
CA ASP A 258 30.04 -0.61 12.31
C ASP A 258 31.12 -1.46 13.03
N PHE A 259 30.94 -1.74 14.30
CA PHE A 259 31.91 -2.50 15.06
C PHE A 259 31.17 -3.63 15.80
N VAL A 260 31.74 -4.84 15.83
CA VAL A 260 31.12 -5.93 16.57
C VAL A 260 32.19 -6.42 17.56
N GLY A 261 31.91 -6.28 18.85
CA GLY A 261 32.73 -6.94 19.89
C GLY A 261 32.05 -8.24 20.35
N LEU A 262 32.62 -8.94 21.35
CA LEU A 262 31.98 -10.19 21.77
C LEU A 262 30.59 -9.92 22.34
N TYR A 263 30.38 -8.82 23.05
CA TYR A 263 29.11 -8.62 23.75
C TYR A 263 28.36 -7.37 23.27
N GLU A 264 29.07 -6.45 22.58
CA GLU A 264 28.47 -5.14 22.30
C GLU A 264 28.79 -4.81 20.84
N SER A 265 27.87 -4.09 20.15
CA SER A 265 28.09 -3.72 18.76
C SER A 265 27.64 -2.30 18.55
N THR A 266 28.16 -1.62 17.49
CA THR A 266 27.64 -0.31 17.17
C THR A 266 27.12 -0.38 15.73
N TRP A 267 26.20 0.55 15.42
CA TRP A 267 25.42 0.42 14.18
C TRP A 267 26.01 1.32 13.10
N LYS A 268 25.70 0.99 11.83
CA LYS A 268 26.03 1.88 10.73
C LYS A 268 25.11 3.12 10.83
N GLU A 269 25.47 4.15 10.06
CA GLU A 269 24.59 5.33 9.82
C GLU A 269 23.33 4.92 9.04
N LEU A 270 22.33 5.82 8.97
CA LEU A 270 21.16 5.56 8.14
C LEU A 270 21.54 5.68 6.67
N PRO A 271 20.85 4.99 5.75
CA PRO A 271 19.68 4.12 6.10
C PRO A 271 20.12 2.68 6.48
N TRP A 272 21.40 2.33 6.34
CA TRP A 272 21.84 0.94 6.42
C TRP A 272 21.70 0.39 7.85
N LYS A 273 21.64 1.25 8.87
CA LYS A 273 21.33 0.79 10.22
C LYS A 273 20.07 -0.11 10.23
N PHE A 274 19.07 0.13 9.35
CA PHE A 274 17.82 -0.63 9.35
C PHE A 274 17.83 -1.72 8.28
N GLU A 275 18.98 -2.05 7.64
CA GLU A 275 18.94 -3.08 6.58
C GLU A 275 19.94 -4.18 6.92
N ALA A 276 19.48 -5.19 7.67
CA ALA A 276 20.36 -6.23 8.22
C ALA A 276 20.45 -7.32 7.12
N GLY A 277 21.69 -7.82 6.89
CA GLY A 277 21.87 -8.92 5.96
C GLY A 277 21.87 -8.53 4.50
N THR A 278 22.10 -9.53 3.65
CA THR A 278 22.15 -9.24 2.23
C THR A 278 20.75 -8.73 1.85
N PRO A 279 20.68 -7.59 1.14
CA PRO A 279 19.40 -6.94 0.96
C PRO A 279 18.62 -7.56 -0.22
N ILE A 280 17.47 -6.92 -0.54
CA ILE A 280 16.57 -7.48 -1.57
C ILE A 280 17.07 -6.88 -2.89
N ILE A 281 18.18 -7.40 -3.41
CA ILE A 281 18.93 -6.53 -4.36
C ILE A 281 18.09 -6.41 -5.64
N ALA A 282 17.74 -7.58 -6.25
CA ALA A 282 17.05 -7.55 -7.54
C ALA A 282 15.71 -6.80 -7.40
N GLY A 283 14.96 -7.16 -6.33
CA GLY A 283 13.63 -6.57 -6.14
C GLY A 283 13.67 -5.03 -6.01
N ALA A 284 14.66 -4.52 -5.27
CA ALA A 284 14.77 -3.08 -5.12
C ALA A 284 15.10 -2.44 -6.49
N ILE A 285 16.02 -3.08 -7.26
CA ILE A 285 16.33 -2.47 -8.56
C ILE A 285 15.07 -2.49 -9.43
N GLY A 286 14.31 -3.58 -9.34
CA GLY A 286 13.06 -3.67 -10.15
C GLY A 286 12.02 -2.65 -9.65
N LEU A 287 12.00 -2.38 -8.35
CA LEU A 287 11.06 -1.31 -7.91
C LEU A 287 11.55 0.06 -8.45
N GLY A 288 12.85 0.26 -8.54
CA GLY A 288 13.28 1.48 -9.23
C GLY A 288 12.83 1.57 -10.69
N ALA A 289 12.88 0.43 -11.43
CA ALA A 289 12.36 0.40 -12.79
C ALA A 289 10.83 0.66 -12.81
N ALA A 290 10.11 0.17 -11.82
CA ALA A 290 8.66 0.43 -11.83
C ALA A 290 8.42 1.93 -11.64
N ILE A 291 9.20 2.55 -10.75
CA ILE A 291 9.03 3.99 -10.53
C ILE A 291 9.37 4.73 -11.84
N ASP A 292 10.44 4.32 -12.52
CA ASP A 292 10.76 5.01 -13.79
C ASP A 292 9.55 4.92 -14.74
N PHE A 293 8.98 3.72 -14.83
CA PHE A 293 7.87 3.41 -15.72
C PHE A 293 6.65 4.30 -15.37
N LEU A 294 6.32 4.35 -14.08
CA LEU A 294 5.13 5.13 -13.70
C LEU A 294 5.39 6.64 -13.94
N GLU A 295 6.61 7.07 -13.62
CA GLU A 295 6.99 8.47 -13.79
C GLU A 295 6.92 8.88 -15.24
N GLU A 296 7.21 7.95 -16.15
CA GLU A 296 7.22 8.27 -17.56
C GLU A 296 5.78 8.43 -18.04
N ILE A 297 4.88 7.61 -17.54
CA ILE A 297 3.45 7.80 -17.82
C ILE A 297 2.94 9.07 -17.15
N GLY A 298 3.32 9.26 -15.87
CA GLY A 298 2.85 10.43 -15.09
C GLY A 298 1.82 10.00 -14.06
N LEU A 299 2.10 10.17 -12.75
CA LEU A 299 1.16 9.73 -11.69
C LEU A 299 -0.11 10.58 -11.74
N ASP A 300 0.04 11.83 -12.17
CA ASP A 300 -1.20 12.65 -12.27
C ASP A 300 -2.10 12.10 -13.37
N GLU A 301 -1.49 11.68 -14.51
CA GLU A 301 -2.28 11.04 -15.57
C GLU A 301 -2.92 9.73 -15.09
N ILE A 302 -2.16 8.92 -14.32
CA ILE A 302 -2.74 7.66 -13.84
C ILE A 302 -3.87 7.98 -12.86
N SER A 303 -3.72 8.98 -12.00
CA SER A 303 -4.83 9.35 -11.09
C SER A 303 -6.06 9.83 -11.91
N ARG A 304 -5.82 10.64 -12.94
CA ARG A 304 -7.02 11.09 -13.72
C ARG A 304 -7.73 9.90 -14.38
N HIS A 305 -6.95 8.93 -14.94
CA HIS A 305 -7.54 7.75 -15.56
C HIS A 305 -8.36 6.97 -14.52
N GLU A 306 -7.79 6.79 -13.33
CA GLU A 306 -8.55 6.09 -12.31
C GLU A 306 -9.80 6.83 -11.82
N HIS A 307 -9.70 8.15 -11.72
CA HIS A 307 -10.91 8.93 -11.36
C HIS A 307 -12.01 8.67 -12.42
N LYS A 308 -11.62 8.71 -13.70
CA LYS A 308 -12.59 8.45 -14.74
C LYS A 308 -13.18 7.06 -14.57
N LEU A 309 -12.34 6.02 -14.38
CA LEU A 309 -12.87 4.66 -14.24
C LEU A 309 -13.77 4.57 -13.00
N ALA A 310 -13.36 5.22 -11.91
CA ALA A 310 -14.19 5.06 -10.71
C ALA A 310 -15.56 5.76 -10.89
N ALA A 311 -15.54 6.93 -11.51
CA ALA A 311 -16.83 7.63 -11.69
C ALA A 311 -17.73 6.77 -12.59
N TYR A 312 -17.11 6.17 -13.61
CA TYR A 312 -17.87 5.36 -14.56
C TYR A 312 -18.42 4.10 -13.86
N ALA A 313 -17.59 3.46 -13.01
CA ALA A 313 -18.02 2.26 -12.34
C ALA A 313 -19.16 2.64 -11.40
N LEU A 314 -18.99 3.71 -10.61
CA LEU A 314 -20.04 4.01 -9.61
C LEU A 314 -21.38 4.24 -10.32
N GLU A 315 -21.30 4.97 -11.45
CA GLU A 315 -22.55 5.20 -12.17
C GLU A 315 -23.18 3.88 -12.65
N ARG A 316 -22.36 3.04 -13.29
CA ARG A 316 -22.90 1.78 -13.79
C ARG A 316 -23.38 0.82 -12.69
N PHE A 317 -22.71 0.81 -11.53
CA PHE A 317 -23.24 0.05 -10.38
C PHE A 317 -24.61 0.57 -9.93
N ARG A 318 -24.84 1.91 -10.01
CA ARG A 318 -26.14 2.45 -9.59
C ARG A 318 -27.22 2.02 -10.56
N GLN A 319 -26.83 1.46 -11.72
CA GLN A 319 -27.81 1.00 -12.68
C GLN A 319 -28.26 -0.41 -12.34
N LEU A 320 -27.54 -1.07 -11.41
CA LEU A 320 -27.85 -2.46 -11.07
C LEU A 320 -28.82 -2.44 -9.89
N ASP A 321 -29.91 -3.16 -10.04
CA ASP A 321 -30.78 -3.40 -8.90
C ASP A 321 -30.19 -4.43 -7.94
N GLY A 322 -30.40 -4.20 -6.65
CA GLY A 322 -30.05 -5.20 -5.65
C GLY A 322 -28.52 -5.27 -5.40
N VAL A 323 -27.79 -4.17 -5.62
CA VAL A 323 -26.34 -4.14 -5.40
C VAL A 323 -26.05 -3.00 -4.43
N THR A 324 -25.26 -3.23 -3.37
CA THR A 324 -24.85 -2.16 -2.45
C THR A 324 -23.35 -1.89 -2.65
N VAL A 325 -22.98 -0.62 -2.79
CA VAL A 325 -21.57 -0.22 -2.85
C VAL A 325 -21.25 0.50 -1.53
N TYR A 326 -20.09 0.24 -0.95
CA TYR A 326 -19.70 0.82 0.34
C TYR A 326 -18.72 1.97 0.09
N GLY A 327 -18.87 3.06 0.85
CA GLY A 327 -17.89 4.12 0.93
C GLY A 327 -18.35 5.36 0.17
N PRO A 328 -17.50 6.37 -0.03
CA PRO A 328 -17.93 7.68 -0.51
C PRO A 328 -17.95 7.74 -2.04
N GLU A 329 -18.53 8.81 -2.56
CA GLU A 329 -18.57 9.07 -3.99
C GLU A 329 -17.18 9.47 -4.49
N GLU A 330 -16.47 10.37 -3.81
CA GLU A 330 -15.12 10.77 -4.21
C GLU A 330 -14.17 9.69 -3.71
N ARG A 331 -13.41 9.05 -4.62
CA ARG A 331 -12.69 7.86 -4.15
C ARG A 331 -11.57 7.51 -5.11
N ALA A 332 -10.68 6.63 -4.65
CA ALA A 332 -9.68 5.93 -5.45
C ALA A 332 -10.34 4.94 -6.43
N GLY A 333 -9.53 4.25 -7.27
CA GLY A 333 -10.08 3.37 -8.29
C GLY A 333 -10.42 1.96 -7.82
N LEU A 334 -11.48 1.82 -6.98
CA LEU A 334 -11.95 0.50 -6.57
C LEU A 334 -13.37 0.61 -6.10
N VAL A 335 -14.10 -0.49 -6.17
CA VAL A 335 -15.50 -0.50 -5.76
C VAL A 335 -15.68 -1.80 -4.99
N THR A 336 -16.06 -1.67 -3.69
CA THR A 336 -16.34 -2.86 -2.89
C THR A 336 -17.86 -2.92 -2.71
N PHE A 337 -18.43 -4.11 -2.82
CA PHE A 337 -19.86 -4.14 -2.98
C PHE A 337 -20.41 -5.48 -2.53
N ASN A 338 -21.77 -5.62 -2.50
CA ASN A 338 -22.36 -6.92 -2.30
C ASN A 338 -23.58 -7.00 -3.19
N LEU A 339 -23.87 -8.22 -3.70
CA LEU A 339 -25.18 -8.42 -4.30
C LEU A 339 -26.20 -8.88 -3.23
N ASP A 340 -27.41 -8.33 -3.22
CA ASP A 340 -28.44 -8.78 -2.31
C ASP A 340 -28.59 -10.29 -2.41
N ASP A 341 -28.49 -11.00 -1.30
CA ASP A 341 -28.85 -12.41 -1.38
C ASP A 341 -27.85 -13.25 -2.19
N VAL A 342 -26.69 -12.76 -2.60
CA VAL A 342 -25.69 -13.72 -3.09
C VAL A 342 -24.43 -13.51 -2.25
N HIS A 343 -23.81 -14.61 -1.78
CA HIS A 343 -22.56 -14.49 -1.04
C HIS A 343 -21.46 -13.97 -1.96
N PRO A 344 -20.59 -13.04 -1.49
CA PRO A 344 -19.57 -12.49 -2.39
C PRO A 344 -18.59 -13.54 -2.93
N HIS A 345 -18.29 -14.60 -2.17
CA HIS A 345 -17.46 -15.68 -2.70
C HIS A 345 -18.10 -16.32 -3.94
N ASP A 346 -19.40 -16.54 -3.95
CA ASP A 346 -20.10 -17.05 -5.12
C ASP A 346 -20.09 -16.04 -6.29
N VAL A 347 -20.28 -14.74 -6.00
CA VAL A 347 -20.10 -13.68 -7.01
C VAL A 347 -18.70 -13.84 -7.63
N ALA A 348 -17.65 -13.93 -6.81
CA ALA A 348 -16.30 -13.95 -7.38
C ALA A 348 -16.08 -15.23 -8.20
N THR A 349 -16.62 -16.39 -7.77
CA THR A 349 -16.49 -17.67 -8.47
C THR A 349 -17.16 -17.56 -9.85
N VAL A 350 -18.37 -17.08 -9.88
CA VAL A 350 -19.03 -17.04 -11.21
C VAL A 350 -18.42 -15.97 -12.13
N LEU A 351 -17.93 -14.83 -11.56
CA LEU A 351 -17.20 -13.86 -12.38
C LEU A 351 -15.93 -14.50 -12.97
N ASP A 352 -15.22 -15.37 -12.22
CA ASP A 352 -14.01 -15.96 -12.78
C ASP A 352 -14.34 -16.92 -13.94
N ALA A 353 -15.52 -17.58 -13.90
CA ALA A 353 -15.97 -18.41 -15.01
C ALA A 353 -16.18 -17.52 -16.26
N GLU A 354 -16.35 -16.20 -16.13
CA GLU A 354 -16.46 -15.32 -17.29
C GLU A 354 -15.12 -14.60 -17.56
N GLY A 355 -14.03 -15.06 -16.95
CA GLY A 355 -12.71 -14.52 -17.16
C GLY A 355 -12.41 -13.34 -16.23
N ILE A 356 -13.35 -12.96 -15.34
CA ILE A 356 -13.17 -11.71 -14.58
C ILE A 356 -12.60 -12.06 -13.20
N ALA A 357 -11.50 -11.36 -12.82
CA ALA A 357 -10.80 -11.60 -11.58
C ALA A 357 -11.16 -10.47 -10.57
N VAL A 358 -11.88 -10.81 -9.49
CA VAL A 358 -12.14 -9.81 -8.44
C VAL A 358 -11.84 -10.51 -7.11
N ARG A 359 -11.95 -9.82 -5.97
CA ARG A 359 -11.60 -10.49 -4.70
C ARG A 359 -12.81 -10.52 -3.78
N ALA A 360 -12.96 -11.57 -2.94
CA ALA A 360 -14.11 -11.65 -2.04
C ALA A 360 -13.54 -11.92 -0.65
N GLY A 361 -14.17 -11.40 0.42
CA GLY A 361 -13.69 -11.69 1.77
C GLY A 361 -13.75 -10.40 2.60
N HIS A 362 -12.79 -10.29 3.57
CA HIS A 362 -12.82 -9.15 4.48
C HIS A 362 -11.72 -8.16 4.06
N HIS A 363 -10.91 -8.57 3.06
CA HIS A 363 -9.85 -7.68 2.57
C HIS A 363 -8.94 -7.23 3.72
N CYS A 364 -8.67 -8.09 4.69
CA CYS A 364 -7.79 -7.79 5.81
C CYS A 364 -8.30 -6.54 6.56
N ALA A 365 -9.62 -6.41 6.66
CA ALA A 365 -10.19 -5.28 7.41
C ALA A 365 -11.43 -5.76 8.19
N GLN A 366 -11.20 -6.67 9.16
CA GLN A 366 -12.33 -7.28 9.87
C GLN A 366 -13.12 -6.25 10.69
N PRO A 367 -12.45 -5.35 11.47
CA PRO A 367 -13.18 -4.29 12.19
C PRO A 367 -14.00 -3.44 11.23
N LEU A 368 -13.51 -3.18 10.02
CA LEU A 368 -14.35 -2.41 9.09
C LEU A 368 -15.54 -3.23 8.60
N MET A 369 -15.36 -4.53 8.36
CA MET A 369 -16.54 -5.26 7.89
C MET A 369 -17.61 -5.21 9.01
N LYS A 370 -17.14 -5.27 10.27
CA LYS A 370 -18.08 -5.24 11.41
C LYS A 370 -18.81 -3.90 11.46
N TRP A 371 -18.07 -2.83 11.20
CA TRP A 371 -18.61 -1.48 11.10
C TRP A 371 -19.63 -1.40 9.98
N LEU A 372 -19.36 -2.10 8.87
CA LEU A 372 -20.29 -2.05 7.73
C LEU A 372 -21.47 -2.98 8.00
N ASP A 373 -21.44 -3.78 9.08
CA ASP A 373 -22.47 -4.76 9.42
C ASP A 373 -22.51 -5.88 8.36
N VAL A 374 -21.38 -6.35 7.78
CA VAL A 374 -21.41 -7.44 6.80
C VAL A 374 -20.34 -8.44 7.22
N THR A 375 -20.42 -9.70 6.74
CA THR A 375 -19.33 -10.59 7.11
C THR A 375 -18.28 -10.67 6.01
N ALA A 376 -18.62 -10.29 4.77
CA ALA A 376 -17.65 -10.27 3.65
C ALA A 376 -18.22 -9.38 2.55
N THR A 377 -17.39 -9.06 1.54
CA THR A 377 -17.79 -8.20 0.45
C THR A 377 -16.98 -8.64 -0.77
N ALA A 378 -17.39 -8.20 -1.96
CA ALA A 378 -16.61 -8.44 -3.16
C ALA A 378 -15.96 -7.11 -3.53
N ARG A 379 -14.82 -7.15 -4.24
CA ARG A 379 -14.19 -5.89 -4.59
C ARG A 379 -13.60 -6.00 -6.01
N ALA A 380 -13.93 -5.03 -6.85
CA ALA A 380 -13.22 -4.84 -8.12
C ALA A 380 -12.35 -3.60 -7.98
N SER A 381 -11.09 -3.71 -8.40
CA SER A 381 -10.17 -2.59 -8.24
C SER A 381 -9.48 -2.38 -9.59
N PHE A 382 -9.05 -1.15 -9.86
CA PHE A 382 -8.63 -0.80 -11.23
C PHE A 382 -7.22 -0.25 -11.20
N TYR A 383 -6.55 -0.25 -12.37
CA TYR A 383 -5.22 0.38 -12.38
C TYR A 383 -5.02 0.88 -13.81
N LEU A 384 -3.79 1.30 -14.14
CA LEU A 384 -3.51 2.06 -15.36
C LEU A 384 -3.75 1.23 -16.63
N TYR A 385 -3.91 -0.10 -16.51
CA TYR A 385 -4.13 -0.89 -17.70
C TYR A 385 -5.61 -1.31 -17.85
N ASN A 386 -6.49 -0.81 -16.97
CA ASN A 386 -7.89 -1.20 -17.10
C ASN A 386 -8.71 -0.14 -17.89
N THR A 387 -9.84 -0.62 -18.45
CA THR A 387 -10.64 0.19 -19.39
C THR A 387 -12.12 0.20 -19.00
N GLU A 388 -12.86 1.18 -19.55
CA GLU A 388 -14.30 1.18 -19.32
C GLU A 388 -14.94 -0.08 -19.88
N GLU A 389 -14.41 -0.63 -21.00
CA GLU A 389 -15.01 -1.85 -21.56
C GLU A 389 -14.95 -2.98 -20.51
N GLU A 390 -13.86 -3.03 -19.74
CA GLU A 390 -13.76 -4.07 -18.70
C GLU A 390 -14.80 -3.86 -17.59
N ILE A 391 -15.10 -2.59 -17.24
CA ILE A 391 -16.12 -2.29 -16.28
C ILE A 391 -17.48 -2.72 -16.88
N ASP A 392 -17.70 -2.44 -18.16
CA ASP A 392 -18.97 -2.92 -18.74
C ASP A 392 -19.09 -4.44 -18.62
N LYS A 393 -18.01 -5.17 -18.94
CA LYS A 393 -18.02 -6.61 -18.73
C LYS A 393 -18.36 -6.99 -17.28
N LEU A 394 -17.81 -6.27 -16.28
CA LEU A 394 -18.10 -6.59 -14.91
C LEU A 394 -19.61 -6.35 -14.62
N VAL A 395 -20.15 -5.20 -15.05
CA VAL A 395 -21.53 -4.89 -14.62
C VAL A 395 -22.49 -5.82 -15.34
N GLU A 396 -22.15 -6.19 -16.58
CA GLU A 396 -23.00 -7.12 -17.33
C GLU A 396 -22.98 -8.49 -16.65
N ALA A 397 -21.81 -8.92 -16.15
CA ALA A 397 -21.72 -10.20 -15.50
C ALA A 397 -22.44 -10.16 -14.15
N LEU A 398 -22.40 -9.04 -13.43
CA LEU A 398 -23.12 -8.94 -12.17
C LEU A 398 -24.64 -9.08 -12.46
N GLN A 399 -25.11 -8.46 -13.55
CA GLN A 399 -26.53 -8.53 -13.89
C GLN A 399 -26.90 -10.00 -14.10
N LYS A 400 -26.09 -10.71 -14.89
CA LYS A 400 -26.34 -12.10 -15.22
C LYS A 400 -26.22 -12.97 -13.99
N THR A 401 -25.26 -12.69 -13.08
CA THR A 401 -25.16 -13.35 -11.78
C THR A 401 -26.45 -13.19 -10.95
N LYS A 402 -26.94 -11.96 -10.86
CA LYS A 402 -28.18 -11.69 -10.16
C LYS A 402 -29.33 -12.54 -10.73
N GLU A 403 -29.49 -12.54 -12.06
CA GLU A 403 -30.56 -13.31 -12.68
C GLU A 403 -30.36 -14.81 -12.45
N TYR A 404 -29.11 -15.26 -12.55
CA TYR A 404 -28.80 -16.65 -12.42
C TYR A 404 -29.23 -17.17 -11.05
N PHE A 405 -28.82 -16.47 -9.98
CA PHE A 405 -29.15 -16.90 -8.63
C PHE A 405 -30.63 -16.66 -8.32
N THR A 406 -31.31 -15.87 -9.15
CA THR A 406 -32.74 -15.66 -9.02
C THR A 406 -33.46 -16.90 -9.55
N ASN A 407 -33.06 -17.38 -10.73
CA ASN A 407 -33.70 -18.51 -11.38
C ASN A 407 -33.52 -19.80 -10.58
N VAL A 408 -32.43 -19.92 -9.83
CA VAL A 408 -32.28 -21.06 -8.92
C VAL A 408 -32.48 -20.56 -7.48
#